data_1D2P
#
_entry.id   1D2P
#
_cell.length_a   42.392
_cell.length_b   79.418
_cell.length_c   130.399
_cell.angle_alpha   90.00
_cell.angle_beta   90.00
_cell.angle_gamma   90.00
#
_symmetry.space_group_name_H-M   'P 21 21 21'
#
loop_
_entity.id
_entity.type
_entity.pdbx_description
1 polymer 'COLLAGEN ADHESIN'
2 water water
#
_entity_poly.entity_id   1
_entity_poly.type   'polypeptide(L)'
_entity_poly.pdbx_seq_one_letter_code
;ETTSSIGEKVWDDKDNQDGKRPEKVSVNLLANGEKVKTLDVTSETNWKYEFKDLPKYDEGKKIEYTVTEDHVKDYTTDIN
GTTITNKYTPGETSATVTKNWDDNNNQDGKRPTEIKVELYQDGKATGKTAILNESNNWTHTWTGLDEKAKGQQVKYTVEE
LTKVKGYTTHVDNNDMGNLITTNKYTPETTSSIGEKVWDDKDNQDGKRPEKVSVNLLANGEKVKTLDVTSETNWKYEFKD
LPKYDEGKKIEYTVTEDHVKDYTTDINGTTITNKYTPGETSATVTKNWDDNNNQDGKRPTEIKVELYQDGKATGKTAILN
ESNNWTHTWTGLDEKAKGQQVKYTVEELTKVKGYTTHVDNNDMGNLITTNKYT
;
_entity_poly.pdbx_strand_id   A
#
# COMPACT_ATOMS: atom_id res chain seq x y z
N GLU A 1 3.35 15.76 -1.43
CA GLU A 1 2.04 16.45 -1.48
C GLU A 1 1.43 16.49 -0.07
N THR A 2 1.32 17.68 0.51
CA THR A 2 0.78 17.85 1.85
C THR A 2 -0.65 18.44 1.86
N THR A 3 -1.30 18.46 3.02
CA THR A 3 -2.66 18.99 3.12
C THR A 3 -2.92 19.80 4.38
N SER A 4 -4.07 20.47 4.38
CA SER A 4 -4.52 21.29 5.50
C SER A 4 -5.93 20.90 5.90
N SER A 5 -6.16 20.77 7.21
CA SER A 5 -7.47 20.40 7.71
C SER A 5 -7.96 21.50 8.66
N ILE A 6 -8.97 22.25 8.22
CA ILE A 6 -9.48 23.33 9.04
C ILE A 6 -10.97 23.17 9.35
N GLY A 7 -11.38 23.74 10.47
CA GLY A 7 -12.76 23.66 10.88
C GLY A 7 -13.04 24.63 12.00
N GLU A 8 -14.21 24.51 12.61
CA GLU A 8 -14.56 25.40 13.70
C GLU A 8 -15.42 24.70 14.73
N LYS A 9 -15.46 25.30 15.91
CA LYS A 9 -16.23 24.80 17.02
C LYS A 9 -17.43 25.72 17.17
N VAL A 10 -18.63 25.19 17.17
CA VAL A 10 -19.79 26.07 17.34
C VAL A 10 -20.57 25.67 18.59
N TRP A 11 -20.95 26.66 19.40
CA TRP A 11 -21.70 26.39 20.63
C TRP A 11 -23.20 26.56 20.45
N ASP A 12 -23.97 25.61 20.97
CA ASP A 12 -25.41 25.67 20.91
C ASP A 12 -25.88 25.64 22.35
N ASP A 13 -25.80 26.78 23.02
CA ASP A 13 -26.19 26.88 24.43
C ASP A 13 -26.83 28.21 24.78
N LYS A 14 -27.56 28.78 23.82
CA LYS A 14 -28.27 30.04 23.99
C LYS A 14 -27.34 31.16 24.45
N ASP A 15 -26.17 31.22 23.83
CA ASP A 15 -25.18 32.23 24.17
C ASP A 15 -24.63 32.08 25.58
N ASN A 16 -24.51 30.85 26.04
CA ASN A 16 -23.95 30.59 27.36
C ASN A 16 -24.77 31.24 28.47
N GLN A 17 -26.10 31.21 28.32
CA GLN A 17 -27.01 31.76 29.31
C GLN A 17 -26.73 31.26 30.73
N ASP A 18 -26.55 29.95 30.85
CA ASP A 18 -26.29 29.35 32.16
C ASP A 18 -24.83 29.47 32.55
N GLY A 19 -24.05 30.15 31.72
CA GLY A 19 -22.63 30.35 31.99
C GLY A 19 -21.88 29.10 32.41
N LYS A 20 -22.05 28.03 31.65
CA LYS A 20 -21.40 26.78 31.96
C LYS A 20 -20.46 26.31 30.84
N ARG A 21 -20.22 27.18 29.86
CA ARG A 21 -19.32 26.86 28.75
C ARG A 21 -17.86 26.91 29.21
N PRO A 22 -17.08 25.86 28.93
CA PRO A 22 -15.65 25.78 29.32
C PRO A 22 -14.81 26.78 28.52
N GLU A 23 -13.57 27.04 28.96
CA GLU A 23 -12.72 28.01 28.23
C GLU A 23 -12.14 27.44 26.95
N LYS A 24 -12.02 26.12 26.85
CA LYS A 24 -11.49 25.52 25.63
C LYS A 24 -11.93 24.07 25.45
N VAL A 25 -11.66 23.53 24.27
CA VAL A 25 -11.97 22.13 23.95
C VAL A 25 -10.75 21.53 23.27
N SER A 26 -10.64 20.22 23.30
CA SER A 26 -9.51 19.55 22.69
C SER A 26 -9.96 18.71 21.50
N VAL A 27 -9.59 19.12 20.30
CA VAL A 27 -9.98 18.38 19.10
C VAL A 27 -8.86 17.47 18.63
N ASN A 28 -9.22 16.24 18.29
CA ASN A 28 -8.27 15.24 17.84
C ASN A 28 -8.32 15.04 16.34
N LEU A 29 -7.15 14.81 15.75
CA LEU A 29 -7.06 14.56 14.32
C LEU A 29 -6.77 13.08 14.16
N LEU A 30 -7.62 12.38 13.42
CA LEU A 30 -7.42 10.95 13.21
C LEU A 30 -7.04 10.73 11.75
N ALA A 31 -6.03 9.90 11.53
CA ALA A 31 -5.59 9.57 10.18
C ALA A 31 -6.01 8.13 9.97
N ASN A 32 -7.04 7.91 9.17
CA ASN A 32 -7.53 6.56 8.93
C ASN A 32 -7.88 5.85 10.23
N GLY A 33 -8.46 6.60 11.17
CA GLY A 33 -8.85 6.03 12.45
C GLY A 33 -7.78 6.02 13.53
N GLU A 34 -6.65 6.66 13.27
CA GLU A 34 -5.57 6.71 14.24
C GLU A 34 -5.24 8.14 14.70
N LYS A 35 -5.24 8.34 16.00
CA LYS A 35 -4.96 9.66 16.56
C LYS A 35 -3.51 10.04 16.28
N VAL A 36 -3.31 11.15 15.59
CA VAL A 36 -1.96 11.59 15.28
C VAL A 36 -1.67 13.02 15.73
N LYS A 37 -2.68 13.72 16.24
CA LYS A 37 -2.47 15.10 16.67
C LYS A 37 -3.67 15.66 17.45
N THR A 38 -3.39 16.39 18.52
CA THR A 38 -4.44 17.01 19.32
C THR A 38 -4.25 18.51 19.26
N LEU A 39 -5.28 19.27 19.58
CA LEU A 39 -5.15 20.73 19.54
C LEU A 39 -6.21 21.39 20.43
N ASP A 40 -5.79 22.41 21.16
CA ASP A 40 -6.71 23.13 22.03
C ASP A 40 -7.32 24.31 21.30
N VAL A 41 -8.64 24.42 21.32
CA VAL A 41 -9.29 25.54 20.66
C VAL A 41 -9.93 26.41 21.74
N THR A 42 -9.81 27.72 21.56
CA THR A 42 -10.36 28.68 22.51
C THR A 42 -10.96 29.88 21.80
N SER A 43 -11.45 30.84 22.59
CA SER A 43 -12.03 32.04 22.02
C SER A 43 -10.92 32.93 21.45
N GLU A 44 -9.67 32.54 21.67
CA GLU A 44 -8.55 33.30 21.16
C GLU A 44 -8.59 33.33 19.64
N THR A 45 -8.95 32.21 19.02
CA THR A 45 -9.03 32.14 17.57
C THR A 45 -10.48 32.09 17.11
N ASN A 46 -11.38 32.66 17.91
CA ASN A 46 -12.80 32.66 17.58
C ASN A 46 -13.24 31.23 17.35
N TRP A 47 -12.80 30.34 18.23
CA TRP A 47 -13.13 28.92 18.15
C TRP A 47 -12.91 28.27 16.79
N LYS A 48 -11.84 28.67 16.10
CA LYS A 48 -11.53 28.07 14.81
C LYS A 48 -10.23 27.30 15.03
N TYR A 49 -9.98 26.30 14.19
CA TYR A 49 -8.77 25.51 14.32
C TYR A 49 -8.21 25.05 12.98
N GLU A 50 -6.91 24.80 12.96
CA GLU A 50 -6.25 24.36 11.73
C GLU A 50 -5.08 23.41 11.94
N PHE A 51 -5.07 22.31 11.19
CA PHE A 51 -3.99 21.33 11.22
C PHE A 51 -3.28 21.46 9.87
N LYS A 52 -2.06 21.94 9.86
CA LYS A 52 -1.36 22.11 8.59
C LYS A 52 -0.10 21.26 8.46
N ASP A 53 0.42 21.19 7.23
CA ASP A 53 1.62 20.40 6.93
C ASP A 53 1.30 18.93 7.12
N LEU A 54 0.16 18.50 6.61
CA LEU A 54 -0.24 17.11 6.75
C LEU A 54 0.03 16.27 5.52
N PRO A 55 0.52 15.03 5.72
CA PRO A 55 0.82 14.13 4.61
C PRO A 55 -0.47 13.76 3.92
N LYS A 56 -0.53 13.90 2.59
CA LYS A 56 -1.75 13.54 1.89
C LYS A 56 -1.79 12.04 1.62
N TYR A 57 -0.63 11.39 1.64
CA TYR A 57 -0.59 9.96 1.38
C TYR A 57 0.33 9.23 2.34
N ASP A 58 -0.02 7.97 2.60
CA ASP A 58 0.76 7.12 3.48
C ASP A 58 0.80 5.79 2.76
N GLU A 59 2.00 5.31 2.47
CA GLU A 59 2.12 4.05 1.77
C GLU A 59 1.43 4.19 0.41
N GLY A 60 1.56 5.38 -0.19
CA GLY A 60 0.97 5.64 -1.49
C GLY A 60 -0.55 5.68 -1.57
N LYS A 61 -1.22 5.66 -0.43
CA LYS A 61 -2.68 5.71 -0.41
C LYS A 61 -3.19 6.98 0.26
N LYS A 62 -4.29 7.51 -0.25
CA LYS A 62 -4.88 8.74 0.30
C LYS A 62 -5.34 8.55 1.74
N ILE A 63 -4.88 9.43 2.62
CA ILE A 63 -5.22 9.38 4.03
C ILE A 63 -6.59 9.97 4.31
N GLU A 64 -7.46 9.19 4.94
CA GLU A 64 -8.80 9.64 5.28
C GLU A 64 -8.76 10.27 6.68
N TYR A 65 -8.83 11.60 6.75
CA TYR A 65 -8.77 12.33 8.02
C TYR A 65 -10.12 12.68 8.61
N THR A 66 -10.23 12.58 9.93
CA THR A 66 -11.46 12.91 10.64
C THR A 66 -11.09 13.55 11.98
N VAL A 67 -12.05 14.23 12.59
CA VAL A 67 -11.82 14.86 13.88
C VAL A 67 -12.84 14.40 14.90
N THR A 68 -12.39 14.32 16.15
CA THR A 68 -13.24 13.95 17.27
C THR A 68 -12.95 14.98 18.34
N GLU A 69 -13.72 14.96 19.40
CA GLU A 69 -13.51 15.90 20.49
C GLU A 69 -13.53 15.15 21.82
N ASP A 70 -12.63 15.51 22.71
CA ASP A 70 -12.64 14.88 24.02
C ASP A 70 -13.91 15.36 24.73
N HIS A 71 -14.51 14.49 25.52
CA HIS A 71 -15.72 14.75 26.28
C HIS A 71 -15.73 16.08 27.05
N VAL A 72 -16.81 16.83 26.88
CA VAL A 72 -17.04 18.10 27.56
C VAL A 72 -18.24 17.87 28.49
N LYS A 73 -18.10 18.17 29.76
CA LYS A 73 -19.18 17.95 30.70
C LYS A 73 -20.46 18.69 30.32
N ASP A 74 -21.59 17.99 30.46
CA ASP A 74 -22.91 18.52 30.14
C ASP A 74 -23.08 19.07 28.74
N TYR A 75 -22.32 18.56 27.79
CA TYR A 75 -22.47 19.02 26.42
C TYR A 75 -22.55 17.79 25.55
N THR A 76 -23.40 17.84 24.53
CA THR A 76 -23.57 16.72 23.62
C THR A 76 -22.92 17.18 22.32
N THR A 77 -22.14 16.30 21.71
CA THR A 77 -21.38 16.67 20.52
C THR A 77 -21.88 16.09 19.20
N ASP A 78 -21.77 16.90 18.15
CA ASP A 78 -22.17 16.49 16.81
C ASP A 78 -21.06 16.87 15.84
N ILE A 79 -20.60 15.91 15.04
CA ILE A 79 -19.53 16.18 14.07
C ILE A 79 -20.04 16.08 12.64
N ASN A 80 -19.91 17.18 11.92
CA ASN A 80 -20.32 17.26 10.53
C ASN A 80 -19.09 17.78 9.77
N GLY A 81 -18.33 16.87 9.18
CA GLY A 81 -17.12 17.26 8.47
C GLY A 81 -16.11 17.74 9.51
N THR A 82 -15.76 19.02 9.45
CA THR A 82 -14.83 19.60 10.43
C THR A 82 -15.59 20.55 11.36
N THR A 83 -16.91 20.57 11.25
CA THR A 83 -17.72 21.44 12.11
C THR A 83 -18.25 20.69 13.33
N ILE A 84 -17.73 21.04 14.50
CA ILE A 84 -18.11 20.40 15.76
C ILE A 84 -19.08 21.23 16.55
N THR A 85 -20.29 20.71 16.73
CA THR A 85 -21.30 21.43 17.49
C THR A 85 -21.45 20.81 18.87
N ASN A 86 -21.39 21.64 19.90
CA ASN A 86 -21.56 21.17 21.27
C ASN A 86 -22.79 21.83 21.84
N LYS A 87 -23.84 21.06 22.06
CA LYS A 87 -25.05 21.65 22.59
C LYS A 87 -25.20 21.36 24.07
N TYR A 88 -25.47 22.40 24.84
CA TYR A 88 -25.60 22.27 26.28
C TYR A 88 -26.82 21.40 26.64
N THR A 89 -26.55 20.28 27.32
CA THR A 89 -27.57 19.30 27.76
C THR A 89 -27.21 18.84 29.17
N PRO A 90 -27.64 19.58 30.19
CA PRO A 90 -27.36 19.22 31.57
C PRO A 90 -27.54 17.75 31.91
N GLY A 91 -26.50 17.13 32.47
CA GLY A 91 -26.57 15.73 32.85
C GLY A 91 -26.48 14.69 31.74
N GLU A 92 -26.37 15.12 30.49
CA GLU A 92 -26.28 14.18 29.35
C GLU A 92 -25.17 14.51 28.34
N THR A 93 -24.62 13.48 27.70
CA THR A 93 -23.58 13.65 26.68
C THR A 93 -23.72 12.70 25.55
N SER A 94 -22.61 12.60 24.82
CA SER A 94 -22.49 11.74 23.68
C SER A 94 -21.23 10.93 23.88
N ALA A 95 -21.02 9.97 22.99
CA ALA A 95 -19.85 9.12 23.01
C ALA A 95 -19.54 8.80 21.55
N THR A 96 -18.28 8.94 21.17
CA THR A 96 -17.87 8.70 19.78
C THR A 96 -16.89 7.54 19.65
N VAL A 97 -17.12 6.71 18.65
CA VAL A 97 -16.27 5.57 18.41
C VAL A 97 -15.80 5.57 16.96
N THR A 98 -14.50 5.31 16.77
CA THR A 98 -13.95 5.22 15.43
C THR A 98 -13.24 3.88 15.33
N LYS A 99 -13.17 3.35 14.12
CA LYS A 99 -12.53 2.06 13.91
C LYS A 99 -11.17 2.25 13.23
N ASN A 100 -10.15 1.66 13.82
CA ASN A 100 -8.80 1.78 13.28
C ASN A 100 -8.37 0.46 12.65
N TRP A 101 -8.17 0.48 11.33
CA TRP A 101 -7.74 -0.72 10.62
C TRP A 101 -6.23 -0.70 10.45
N ASP A 102 -5.55 -1.56 11.18
CA ASP A 102 -4.10 -1.65 11.14
C ASP A 102 -3.75 -2.93 10.39
N ASP A 103 -3.80 -2.86 9.06
CA ASP A 103 -3.52 -4.02 8.23
C ASP A 103 -2.87 -3.64 6.89
N ASN A 104 -2.11 -2.55 6.91
CA ASN A 104 -1.43 -2.06 5.71
C ASN A 104 -2.36 -1.82 4.53
N ASN A 105 -3.32 -0.92 4.71
CA ASN A 105 -4.26 -0.59 3.66
C ASN A 105 -4.92 -1.82 3.04
N ASN A 106 -5.20 -2.83 3.88
CA ASN A 106 -5.87 -4.02 3.39
C ASN A 106 -5.04 -4.75 2.31
N GLN A 107 -3.72 -4.74 2.47
CA GLN A 107 -2.82 -5.39 1.52
C GLN A 107 -3.29 -6.78 1.05
N ASP A 108 -3.71 -7.62 2.00
CA ASP A 108 -4.16 -8.98 1.69
C ASP A 108 -5.64 -9.06 1.37
N GLY A 109 -6.29 -7.92 1.21
CA GLY A 109 -7.72 -7.93 0.91
C GLY A 109 -8.55 -8.80 1.82
N LYS A 110 -8.21 -8.84 3.11
CA LYS A 110 -8.94 -9.65 4.08
C LYS A 110 -9.93 -8.81 4.91
N ARG A 111 -9.91 -7.50 4.73
CA ARG A 111 -10.79 -6.60 5.48
C ARG A 111 -12.29 -6.77 5.15
N PRO A 112 -13.13 -6.89 6.18
CA PRO A 112 -14.58 -7.05 5.94
C PRO A 112 -15.18 -5.72 5.53
N THR A 113 -16.36 -5.77 4.94
CA THR A 113 -17.08 -4.58 4.49
C THR A 113 -17.69 -3.78 5.63
N GLU A 114 -17.87 -4.41 6.79
CA GLU A 114 -18.45 -3.70 7.93
C GLU A 114 -18.32 -4.49 9.21
N ILE A 115 -18.39 -3.78 10.35
CA ILE A 115 -18.33 -4.43 11.65
C ILE A 115 -19.34 -3.74 12.57
N LYS A 116 -19.84 -4.46 13.57
CA LYS A 116 -20.79 -3.91 14.51
C LYS A 116 -20.11 -3.80 15.86
N VAL A 117 -20.47 -2.77 16.62
CA VAL A 117 -19.92 -2.58 17.96
C VAL A 117 -21.06 -2.23 18.89
N GLU A 118 -20.87 -2.39 20.19
CA GLU A 118 -21.91 -2.04 21.14
C GLU A 118 -21.35 -1.25 22.32
N LEU A 119 -22.12 -0.25 22.74
CA LEU A 119 -21.71 0.60 23.86
C LEU A 119 -22.05 -0.07 25.20
N TYR A 120 -21.09 -0.07 26.12
CA TYR A 120 -21.32 -0.64 27.42
C TYR A 120 -21.36 0.43 28.48
N GLN A 121 -22.10 0.18 29.54
CA GLN A 121 -22.21 1.14 30.63
C GLN A 121 -21.85 0.45 31.93
N ASP A 122 -20.79 0.95 32.56
CA ASP A 122 -20.34 0.36 33.81
C ASP A 122 -20.20 -1.16 33.67
N GLY A 123 -20.08 -1.65 32.44
CA GLY A 123 -19.89 -3.08 32.26
C GLY A 123 -21.04 -3.88 31.71
N LYS A 124 -22.25 -3.31 31.73
CA LYS A 124 -23.39 -4.03 31.20
C LYS A 124 -23.74 -3.47 29.82
N ALA A 125 -24.05 -4.35 28.89
CA ALA A 125 -24.42 -3.93 27.54
C ALA A 125 -25.56 -2.92 27.66
N THR A 126 -25.54 -1.88 26.84
CA THR A 126 -26.58 -0.86 26.86
C THR A 126 -27.70 -1.13 25.87
N GLY A 127 -27.41 -1.89 24.81
CA GLY A 127 -28.43 -2.12 23.81
C GLY A 127 -28.21 -1.12 22.67
N LYS A 128 -27.30 -0.17 22.89
CA LYS A 128 -26.96 0.81 21.85
C LYS A 128 -25.81 0.25 21.02
N THR A 129 -26.08 0.11 19.73
CA THR A 129 -25.18 -0.48 18.76
C THR A 129 -24.80 0.46 17.65
N ALA A 130 -23.89 0.03 16.78
CA ALA A 130 -23.47 0.83 15.64
C ALA A 130 -22.83 -0.05 14.58
N ILE A 131 -23.15 0.26 13.33
CA ILE A 131 -22.59 -0.47 12.22
C ILE A 131 -21.61 0.48 11.55
N LEU A 132 -20.34 0.11 11.59
CA LEU A 132 -19.28 0.92 11.01
C LEU A 132 -18.84 0.35 9.67
N ASN A 133 -18.72 1.22 8.66
CA ASN A 133 -18.27 0.80 7.32
C ASN A 133 -17.75 2.00 6.53
N GLU A 134 -17.34 1.76 5.30
CA GLU A 134 -16.80 2.85 4.47
C GLU A 134 -17.72 4.06 4.34
N SER A 135 -19.02 3.80 4.23
CA SER A 135 -20.00 4.87 4.08
C SER A 135 -19.94 5.93 5.17
N ASN A 136 -19.80 5.51 6.43
CA ASN A 136 -19.74 6.48 7.51
C ASN A 136 -18.35 6.76 8.03
N ASN A 137 -17.34 6.43 7.22
CA ASN A 137 -15.95 6.66 7.62
C ASN A 137 -15.61 5.95 8.93
N TRP A 138 -16.27 4.83 9.17
CA TRP A 138 -16.07 4.01 10.36
C TRP A 138 -16.26 4.74 11.70
N THR A 139 -17.13 5.73 11.72
CA THR A 139 -17.38 6.50 12.93
C THR A 139 -18.86 6.49 13.27
N HIS A 140 -19.16 6.73 14.55
CA HIS A 140 -20.53 6.82 14.99
C HIS A 140 -20.56 7.49 16.34
N THR A 141 -21.55 8.36 16.54
CA THR A 141 -21.71 9.07 17.80
C THR A 141 -23.08 8.80 18.43
N TRP A 142 -23.08 8.25 19.64
CA TRP A 142 -24.32 7.98 20.36
C TRP A 142 -24.70 9.23 21.17
N THR A 143 -26.00 9.50 21.24
CA THR A 143 -26.48 10.67 21.92
C THR A 143 -27.35 10.36 23.13
N GLY A 144 -27.55 11.36 23.97
CA GLY A 144 -28.39 11.19 25.14
C GLY A 144 -27.97 10.11 26.11
N LEU A 145 -26.74 10.19 26.60
CA LEU A 145 -26.24 9.20 27.54
C LEU A 145 -26.15 9.85 28.92
N ASP A 146 -26.44 9.09 29.97
CA ASP A 146 -26.39 9.63 31.33
C ASP A 146 -24.97 9.72 31.88
N GLU A 147 -24.63 10.90 32.41
CA GLU A 147 -23.31 11.12 32.97
C GLU A 147 -23.24 10.55 34.38
N LYS A 148 -24.31 10.71 35.14
CA LYS A 148 -24.36 10.19 36.49
C LYS A 148 -25.47 9.17 36.61
N ALA A 149 -25.15 8.03 37.20
CA ALA A 149 -26.13 6.96 37.40
C ALA A 149 -26.44 6.92 38.89
N LYS A 150 -27.01 8.01 39.38
CA LYS A 150 -27.37 8.18 40.79
C LYS A 150 -26.11 8.39 41.64
N GLY A 151 -25.84 9.65 41.95
CA GLY A 151 -24.69 9.99 42.77
C GLY A 151 -23.39 9.28 42.50
N GLN A 152 -22.94 9.30 41.24
CA GLN A 152 -21.67 8.68 40.85
C GLN A 152 -21.52 8.65 39.33
N GLN A 153 -20.39 9.14 38.85
CA GLN A 153 -20.10 9.19 37.43
C GLN A 153 -20.05 7.78 36.85
N VAL A 154 -20.61 7.61 35.66
CA VAL A 154 -20.64 6.30 35.01
C VAL A 154 -19.61 6.22 33.88
N LYS A 155 -18.95 5.07 33.77
CA LYS A 155 -17.95 4.88 32.73
C LYS A 155 -18.47 4.11 31.53
N TYR A 156 -18.30 4.70 30.35
CA TYR A 156 -18.75 4.03 29.12
C TYR A 156 -17.54 3.43 28.40
N THR A 157 -17.73 2.27 27.78
CA THR A 157 -16.68 1.61 27.01
C THR A 157 -17.32 1.01 25.76
N VAL A 158 -16.50 0.58 24.81
CA VAL A 158 -16.99 -0.01 23.57
C VAL A 158 -16.54 -1.46 23.47
N GLU A 159 -17.25 -2.24 22.68
CA GLU A 159 -16.90 -3.64 22.48
C GLU A 159 -17.33 -4.06 21.08
N GLU A 160 -16.42 -4.71 20.37
CA GLU A 160 -16.69 -5.16 19.01
C GLU A 160 -17.42 -6.50 19.00
N LEU A 161 -18.62 -6.51 18.43
CA LEU A 161 -19.41 -7.71 18.35
C LEU A 161 -18.93 -8.63 17.23
N THR A 162 -18.59 -8.03 16.11
CA THR A 162 -18.11 -8.79 14.95
C THR A 162 -16.76 -9.47 15.20
N LYS A 163 -16.62 -10.67 14.66
CA LYS A 163 -15.39 -11.44 14.81
C LYS A 163 -14.62 -11.42 13.50
N VAL A 164 -13.72 -10.45 13.36
CA VAL A 164 -12.93 -10.34 12.14
C VAL A 164 -11.87 -11.44 12.16
N LYS A 165 -11.95 -12.35 11.19
CA LYS A 165 -10.99 -13.46 11.13
C LYS A 165 -9.58 -13.03 10.74
N GLY A 166 -8.60 -13.58 11.44
CA GLY A 166 -7.21 -13.24 11.17
C GLY A 166 -6.76 -11.97 11.87
N TYR A 167 -7.73 -11.21 12.40
CA TYR A 167 -7.39 -9.98 13.09
C TYR A 167 -7.38 -10.10 14.61
N THR A 168 -6.73 -9.14 15.24
CA THR A 168 -6.61 -9.08 16.67
C THR A 168 -7.26 -7.74 17.03
N THR A 169 -7.85 -7.66 18.21
CA THR A 169 -8.55 -6.44 18.61
C THR A 169 -8.16 -5.76 19.91
N HIS A 170 -7.97 -4.44 19.85
CA HIS A 170 -7.63 -3.65 21.02
C HIS A 170 -8.48 -2.39 21.08
N VAL A 171 -9.03 -2.11 22.25
CA VAL A 171 -9.90 -0.94 22.41
C VAL A 171 -9.33 0.13 23.30
N ASP A 172 -9.44 1.37 22.87
CA ASP A 172 -8.98 2.50 23.66
C ASP A 172 -10.23 3.16 24.26
N ASN A 173 -10.45 2.97 25.55
CA ASN A 173 -11.62 3.53 26.24
C ASN A 173 -11.34 4.72 27.14
N ASN A 174 -10.19 5.37 27.00
CA ASN A 174 -9.85 6.50 27.87
C ASN A 174 -10.74 7.73 27.89
N ASP A 175 -11.31 8.10 26.75
CA ASP A 175 -12.18 9.28 26.71
C ASP A 175 -13.41 8.96 25.86
N MET A 176 -14.59 8.96 26.48
CA MET A 176 -15.83 8.63 25.77
C MET A 176 -16.06 9.49 24.54
N GLY A 177 -15.39 10.65 24.48
CA GLY A 177 -15.55 11.51 23.32
C GLY A 177 -14.71 11.00 22.15
N ASN A 178 -13.77 10.09 22.43
CA ASN A 178 -12.92 9.56 21.39
C ASN A 178 -12.46 8.13 21.63
N LEU A 179 -13.43 7.22 21.65
CA LEU A 179 -13.16 5.80 21.82
C LEU A 179 -12.64 5.31 20.48
N ILE A 180 -11.68 4.41 20.51
CA ILE A 180 -11.08 3.89 19.29
C ILE A 180 -10.88 2.39 19.38
N THR A 181 -11.38 1.70 18.37
CA THR A 181 -11.28 0.24 18.27
C THR A 181 -10.24 -0.08 17.21
N THR A 182 -9.21 -0.83 17.59
CA THR A 182 -8.17 -1.18 16.62
C THR A 182 -8.16 -2.64 16.26
N ASN A 183 -8.16 -2.93 14.96
CA ASN A 183 -8.08 -4.30 14.50
C ASN A 183 -6.80 -4.48 13.71
N LYS A 184 -5.89 -5.28 14.27
CA LYS A 184 -4.60 -5.53 13.66
C LYS A 184 -4.50 -6.88 12.94
N TYR A 185 -3.72 -6.88 11.87
CA TYR A 185 -3.49 -8.07 11.07
C TYR A 185 -2.12 -7.96 10.43
N THR A 186 -1.34 -9.03 10.48
CA THR A 186 -0.01 -9.01 9.88
C THR A 186 -0.04 -9.73 8.53
N PRO A 187 0.14 -8.97 7.45
CA PRO A 187 0.14 -9.41 6.04
C PRO A 187 1.11 -10.55 5.78
N GLU A 188 0.68 -11.52 4.98
CA GLU A 188 1.49 -12.68 4.63
C GLU A 188 2.75 -12.31 3.85
N THR A 189 3.75 -13.18 3.91
CA THR A 189 5.03 -12.97 3.24
C THR A 189 5.51 -14.27 2.60
N THR A 190 6.33 -14.16 1.57
CA THR A 190 6.91 -15.33 0.89
C THR A 190 8.40 -15.08 0.65
N SER A 191 9.03 -16.00 -0.08
CA SER A 191 10.44 -15.87 -0.40
C SER A 191 10.68 -16.64 -1.69
N SER A 192 11.66 -16.18 -2.47
CA SER A 192 12.00 -16.84 -3.72
C SER A 192 13.45 -17.26 -3.60
N ILE A 193 13.74 -18.50 -3.97
CA ILE A 193 15.12 -18.98 -3.86
C ILE A 193 15.52 -19.75 -5.10
N GLY A 194 16.77 -19.64 -5.49
CA GLY A 194 17.22 -20.35 -6.67
C GLY A 194 18.71 -20.49 -6.70
N GLU A 195 19.22 -20.84 -7.86
CA GLU A 195 20.66 -21.00 -8.07
C GLU A 195 21.02 -20.68 -9.48
N LYS A 196 22.29 -20.40 -9.69
CA LYS A 196 22.78 -20.09 -11.00
C LYS A 196 23.71 -21.24 -11.41
N VAL A 197 23.50 -21.81 -12.58
CA VAL A 197 24.37 -22.91 -12.99
C VAL A 197 25.20 -22.50 -14.19
N TRP A 198 26.50 -22.76 -14.12
CA TRP A 198 27.39 -22.42 -15.22
C TRP A 198 27.58 -23.63 -16.13
N ASP A 199 27.48 -23.38 -17.42
CA ASP A 199 27.70 -24.42 -18.41
C ASP A 199 28.86 -23.88 -19.24
N ASP A 200 30.06 -24.02 -18.70
CA ASP A 200 31.27 -23.55 -19.37
C ASP A 200 32.48 -24.48 -19.11
N LYS A 201 32.22 -25.79 -19.15
CA LYS A 201 33.26 -26.81 -18.92
C LYS A 201 34.08 -26.49 -17.67
N ASP A 202 33.39 -26.35 -16.55
CA ASP A 202 34.00 -26.01 -15.28
C ASP A 202 35.03 -24.91 -15.46
N ASN A 203 34.64 -23.87 -16.21
CA ASN A 203 35.49 -22.71 -16.45
C ASN A 203 36.79 -23.05 -17.18
N GLN A 204 36.67 -23.90 -18.18
CA GLN A 204 37.80 -24.32 -18.98
C GLN A 204 38.61 -23.10 -19.42
N ASP A 205 37.92 -22.10 -19.98
CA ASP A 205 38.57 -20.89 -20.47
C ASP A 205 38.65 -19.74 -19.47
N GLY A 206 38.54 -20.04 -18.20
CA GLY A 206 38.63 -19.00 -17.17
C GLY A 206 37.97 -17.68 -17.49
N LYS A 207 36.89 -17.69 -18.25
CA LYS A 207 36.17 -16.47 -18.60
C LYS A 207 35.01 -16.16 -17.66
N ARG A 208 34.73 -17.07 -16.73
CA ARG A 208 33.65 -16.85 -15.77
C ARG A 208 33.92 -15.69 -14.81
N PRO A 209 32.96 -14.77 -14.67
CA PRO A 209 33.10 -13.61 -13.79
C PRO A 209 32.99 -13.96 -12.30
N GLU A 210 33.39 -13.04 -11.45
CA GLU A 210 33.35 -13.24 -10.00
C GLU A 210 31.92 -13.31 -9.48
N LYS A 211 31.00 -12.63 -10.15
CA LYS A 211 29.61 -12.65 -9.70
C LYS A 211 28.61 -12.22 -10.76
N VAL A 212 27.34 -12.47 -10.47
CA VAL A 212 26.26 -12.09 -11.35
C VAL A 212 25.25 -11.30 -10.53
N SER A 213 24.47 -10.47 -11.19
CA SER A 213 23.44 -9.68 -10.50
C SER A 213 22.05 -10.15 -10.92
N VAL A 214 21.34 -10.82 -10.02
CA VAL A 214 20.01 -11.26 -10.38
C VAL A 214 19.00 -10.25 -9.85
N ASN A 215 18.02 -9.93 -10.68
CA ASN A 215 16.99 -8.97 -10.31
C ASN A 215 15.69 -9.68 -9.95
N LEU A 216 14.98 -9.14 -8.97
CA LEU A 216 13.72 -9.72 -8.57
C LEU A 216 12.67 -8.77 -9.08
N LEU A 217 11.71 -9.30 -9.83
CA LEU A 217 10.63 -8.48 -10.37
C LEU A 217 9.31 -8.85 -9.73
N ALA A 218 8.56 -7.83 -9.32
CA ALA A 218 7.25 -8.03 -8.72
C ALA A 218 6.27 -7.51 -9.77
N ASN A 219 5.56 -8.43 -10.42
CA ASN A 219 4.61 -8.09 -11.49
C ASN A 219 5.28 -7.26 -12.57
N GLY A 220 6.51 -7.62 -12.90
CA GLY A 220 7.23 -6.90 -13.94
C GLY A 220 8.01 -5.69 -13.46
N GLU A 221 7.92 -5.39 -12.18
CA GLU A 221 8.64 -4.25 -11.61
C GLU A 221 9.85 -4.70 -10.80
N LYS A 222 11.00 -4.12 -11.06
CA LYS A 222 12.21 -4.47 -10.33
C LYS A 222 12.16 -3.90 -8.93
N VAL A 223 12.22 -4.75 -7.91
CA VAL A 223 12.17 -4.29 -6.53
C VAL A 223 13.43 -4.59 -5.68
N LYS A 224 14.28 -5.49 -6.14
CA LYS A 224 15.50 -5.83 -5.41
C LYS A 224 16.53 -6.50 -6.31
N THR A 225 17.80 -6.37 -5.95
CA THR A 225 18.87 -6.99 -6.72
C THR A 225 19.85 -7.70 -5.79
N LEU A 226 20.43 -8.79 -6.27
CA LEU A 226 21.39 -9.57 -5.48
C LEU A 226 22.64 -9.88 -6.29
N ASP A 227 23.80 -9.74 -5.66
CA ASP A 227 25.04 -10.10 -6.31
C ASP A 227 25.25 -11.51 -5.81
N VAL A 228 25.25 -12.47 -6.72
CA VAL A 228 25.45 -13.85 -6.34
C VAL A 228 26.87 -14.24 -6.68
N THR A 229 27.54 -14.84 -5.70
CA THR A 229 28.93 -15.26 -5.89
C THR A 229 29.07 -16.72 -5.49
N SER A 230 30.31 -17.19 -5.47
CA SER A 230 30.58 -18.57 -5.10
C SER A 230 30.54 -18.72 -3.59
N GLU A 231 30.58 -17.60 -2.88
CA GLU A 231 30.55 -17.59 -1.42
C GLU A 231 29.34 -18.35 -0.87
N THR A 232 28.27 -18.36 -1.65
CA THR A 232 27.05 -19.06 -1.24
C THR A 232 26.83 -20.23 -2.20
N ASN A 233 27.88 -20.56 -2.96
CA ASN A 233 27.82 -21.65 -3.91
C ASN A 233 26.85 -21.33 -5.05
N TRP A 234 26.80 -20.05 -5.43
CA TRP A 234 25.92 -19.61 -6.50
C TRP A 234 24.44 -19.85 -6.18
N LYS A 235 24.09 -19.70 -4.91
CA LYS A 235 22.70 -19.85 -4.49
C LYS A 235 22.20 -18.55 -3.93
N TYR A 236 20.98 -18.18 -4.29
CA TYR A 236 20.41 -16.93 -3.79
C TYR A 236 19.04 -17.14 -3.18
N GLU A 237 18.63 -16.17 -2.38
CA GLU A 237 17.34 -16.22 -1.71
C GLU A 237 16.91 -14.83 -1.34
N PHE A 238 15.69 -14.48 -1.74
CA PHE A 238 15.10 -13.20 -1.43
C PHE A 238 14.10 -13.53 -0.34
N LYS A 239 14.25 -12.90 0.83
CA LYS A 239 13.37 -13.18 1.96
C LYS A 239 12.42 -12.08 2.40
N ASP A 240 11.38 -12.50 3.11
CA ASP A 240 10.36 -11.61 3.62
C ASP A 240 9.77 -10.69 2.56
N LEU A 241 9.26 -11.30 1.50
CA LEU A 241 8.67 -10.56 0.40
C LEU A 241 7.16 -10.54 0.61
N PRO A 242 6.52 -9.41 0.29
CA PRO A 242 5.07 -9.36 0.48
C PRO A 242 4.42 -10.35 -0.47
N LYS A 243 3.46 -11.12 0.03
CA LYS A 243 2.77 -12.10 -0.78
C LYS A 243 1.66 -11.52 -1.66
N TYR A 244 1.03 -10.42 -1.24
CA TYR A 244 -0.05 -9.82 -2.04
C TYR A 244 0.12 -8.33 -2.26
N ASP A 245 -0.57 -7.83 -3.27
CA ASP A 245 -0.59 -6.40 -3.57
C ASP A 245 -2.02 -6.07 -3.93
N GLU A 246 -2.66 -5.26 -3.09
CA GLU A 246 -4.05 -4.84 -3.29
C GLU A 246 -5.01 -6.02 -3.42
N GLY A 247 -4.83 -7.02 -2.56
CA GLY A 247 -5.68 -8.19 -2.60
C GLY A 247 -5.28 -9.23 -3.63
N LYS A 248 -4.35 -8.87 -4.51
CA LYS A 248 -3.91 -9.80 -5.55
C LYS A 248 -2.53 -10.42 -5.31
N LYS A 249 -2.38 -11.68 -5.70
CA LYS A 249 -1.12 -12.38 -5.52
C LYS A 249 -0.07 -11.83 -6.49
N ILE A 250 1.09 -11.48 -5.94
CA ILE A 250 2.20 -10.96 -6.72
C ILE A 250 2.94 -12.03 -7.54
N GLU A 251 3.12 -11.78 -8.83
CA GLU A 251 3.83 -12.71 -9.71
C GLU A 251 5.31 -12.30 -9.71
N TYR A 252 6.13 -13.09 -9.02
CA TYR A 252 7.57 -12.80 -8.93
C TYR A 252 8.38 -13.52 -9.98
N THR A 253 9.32 -12.82 -10.62
CA THR A 253 10.20 -13.47 -11.59
C THR A 253 11.61 -12.95 -11.35
N VAL A 254 12.59 -13.57 -12.02
CA VAL A 254 13.97 -13.11 -11.90
C VAL A 254 14.62 -12.97 -13.27
N THR A 255 15.53 -11.99 -13.37
CA THR A 255 16.28 -11.74 -14.59
C THR A 255 17.73 -11.57 -14.16
N GLU A 256 18.63 -11.56 -15.12
CA GLU A 256 20.05 -11.42 -14.82
C GLU A 256 20.67 -10.35 -15.70
N ASP A 257 21.40 -9.42 -15.09
CA ASP A 257 22.07 -8.39 -15.88
C ASP A 257 23.05 -9.14 -16.78
N HIS A 258 23.20 -8.63 -18.00
CA HIS A 258 24.05 -9.24 -19.00
C HIS A 258 25.47 -9.60 -18.57
N VAL A 259 25.87 -10.82 -18.92
CA VAL A 259 27.21 -11.32 -18.63
C VAL A 259 27.93 -11.41 -19.97
N LYS A 260 29.10 -10.81 -20.05
CA LYS A 260 29.89 -10.83 -21.27
C LYS A 260 30.22 -12.26 -21.73
N ASP A 261 29.83 -12.59 -22.96
CA ASP A 261 30.07 -13.91 -23.56
C ASP A 261 29.29 -15.13 -23.04
N TYR A 262 28.18 -14.90 -22.34
CA TYR A 262 27.35 -16.01 -21.87
C TYR A 262 25.92 -15.81 -22.33
N THR A 263 25.24 -16.92 -22.64
CA THR A 263 23.86 -16.88 -23.10
C THR A 263 22.98 -17.36 -21.97
N THR A 264 22.15 -16.47 -21.45
CA THR A 264 21.29 -16.81 -20.34
C THR A 264 19.97 -17.49 -20.70
N ASP A 265 19.60 -18.46 -19.88
CA ASP A 265 18.35 -19.15 -20.02
C ASP A 265 17.75 -19.17 -18.61
N ILE A 266 16.50 -18.79 -18.50
CA ILE A 266 15.85 -18.76 -17.20
C ILE A 266 14.68 -19.69 -17.15
N ASN A 267 14.73 -20.63 -16.21
CA ASN A 267 13.63 -21.56 -16.02
C ASN A 267 13.23 -21.47 -14.55
N GLY A 268 12.13 -20.78 -14.27
CA GLY A 268 11.72 -20.64 -12.88
C GLY A 268 12.73 -19.76 -12.18
N THR A 269 13.34 -20.26 -11.10
CA THR A 269 14.35 -19.49 -10.38
C THR A 269 15.74 -20.01 -10.70
N THR A 270 15.82 -20.94 -11.65
CA THR A 270 17.10 -21.48 -12.05
C THR A 270 17.63 -20.73 -13.27
N ILE A 271 18.75 -20.05 -13.07
CA ILE A 271 19.40 -19.27 -14.10
C ILE A 271 20.60 -20.03 -14.62
N THR A 272 20.59 -20.34 -15.91
CA THR A 272 21.68 -21.07 -16.53
C THR A 272 22.45 -20.19 -17.48
N ASN A 273 23.78 -20.16 -17.33
CA ASN A 273 24.61 -19.38 -18.22
C ASN A 273 25.56 -20.31 -18.97
N LYS A 274 25.47 -20.27 -20.29
CA LYS A 274 26.28 -21.10 -21.17
C LYS A 274 27.34 -20.23 -21.83
N TYR A 275 28.57 -20.73 -21.88
CA TYR A 275 29.67 -19.99 -22.50
C TYR A 275 29.50 -20.01 -24.02
N THR A 276 29.41 -18.83 -24.61
CA THR A 276 29.21 -18.71 -26.04
C THR A 276 29.98 -17.47 -26.50
N PRO A 277 31.28 -17.64 -26.80
CA PRO A 277 32.13 -16.53 -27.25
C PRO A 277 31.49 -15.64 -28.31
N GLY A 278 31.37 -14.35 -28.00
CA GLY A 278 30.80 -13.38 -28.92
C GLY A 278 29.30 -13.39 -29.13
N GLU A 279 28.58 -14.17 -28.32
CA GLU A 279 27.13 -14.26 -28.44
C GLU A 279 26.43 -14.23 -27.06
N THR A 280 25.29 -13.53 -26.96
CA THR A 280 24.53 -13.50 -25.70
C THR A 280 23.05 -13.52 -25.96
N SER A 281 22.28 -13.22 -24.93
CA SER A 281 20.84 -13.23 -25.03
C SER A 281 20.28 -11.90 -24.61
N ALA A 282 18.99 -11.70 -24.84
CA ALA A 282 18.30 -10.47 -24.44
C ALA A 282 17.01 -10.92 -23.76
N THR A 283 16.67 -10.28 -22.66
CA THR A 283 15.47 -10.63 -21.91
C THR A 283 14.51 -9.44 -21.75
N VAL A 284 13.24 -9.66 -22.07
CA VAL A 284 12.22 -8.62 -21.96
C VAL A 284 11.12 -8.99 -20.97
N THR A 285 10.61 -7.95 -20.31
CA THR A 285 9.51 -8.11 -19.39
C THR A 285 8.61 -6.89 -19.49
N LYS A 286 7.31 -7.13 -19.42
CA LYS A 286 6.35 -6.05 -19.50
C LYS A 286 5.88 -5.68 -18.12
N ASN A 287 5.88 -4.38 -17.84
CA ASN A 287 5.42 -3.89 -16.55
C ASN A 287 4.10 -3.14 -16.69
N TRP A 288 3.07 -3.70 -16.10
CA TRP A 288 1.75 -3.09 -16.15
C TRP A 288 1.53 -2.24 -14.91
N ASP A 289 1.56 -0.93 -15.08
CA ASP A 289 1.34 0.01 -13.97
C ASP A 289 -0.09 0.57 -14.16
N ASP A 290 -1.06 -0.14 -13.61
CA ASP A 290 -2.46 0.24 -13.73
C ASP A 290 -3.31 -0.31 -12.58
N ASN A 291 -2.78 -0.23 -11.37
CA ASN A 291 -3.46 -0.73 -10.18
C ASN A 291 -4.08 -2.09 -10.35
N ASN A 292 -3.29 -3.03 -10.84
CA ASN A 292 -3.75 -4.39 -11.04
C ASN A 292 -4.97 -4.49 -11.94
N ASN A 293 -5.01 -3.63 -12.96
CA ASN A 293 -6.09 -3.65 -13.93
C ASN A 293 -7.49 -3.52 -13.29
N GLN A 294 -7.60 -2.74 -12.23
CA GLN A 294 -8.88 -2.56 -11.56
C GLN A 294 -9.94 -2.00 -12.51
N ASP A 295 -9.51 -1.15 -13.44
CA ASP A 295 -10.41 -0.55 -14.41
C ASP A 295 -10.69 -1.45 -15.62
N GLY A 296 -10.04 -2.62 -15.66
CA GLY A 296 -10.25 -3.57 -16.74
C GLY A 296 -10.03 -3.09 -18.16
N LYS A 297 -9.00 -2.31 -18.41
CA LYS A 297 -8.70 -1.83 -19.75
C LYS A 297 -7.41 -2.46 -20.29
N ARG A 298 -6.79 -3.32 -19.50
CA ARG A 298 -5.55 -3.97 -19.92
C ARG A 298 -5.77 -5.01 -21.01
N PRO A 299 -4.96 -4.97 -22.07
CA PRO A 299 -5.12 -5.95 -23.15
C PRO A 299 -4.71 -7.33 -22.65
N THR A 300 -5.15 -8.37 -23.33
CA THR A 300 -4.79 -9.72 -22.92
C THR A 300 -3.43 -10.14 -23.47
N GLU A 301 -2.88 -9.36 -24.40
CA GLU A 301 -1.56 -9.65 -24.95
C GLU A 301 -0.98 -8.49 -25.76
N ILE A 302 0.35 -8.45 -25.87
CA ILE A 302 1.01 -7.40 -26.65
C ILE A 302 2.20 -7.98 -27.40
N LYS A 303 2.70 -7.21 -28.35
CA LYS A 303 3.82 -7.66 -29.16
C LYS A 303 5.00 -6.69 -29.12
N VAL A 304 6.21 -7.23 -28.91
CA VAL A 304 7.44 -6.44 -28.87
C VAL A 304 8.44 -6.99 -29.88
N GLU A 305 9.35 -6.14 -30.34
CA GLU A 305 10.33 -6.55 -31.32
C GLU A 305 11.71 -6.07 -30.93
N LEU A 306 12.71 -6.86 -31.30
CA LEU A 306 14.10 -6.57 -30.98
C LEU A 306 14.78 -5.68 -32.02
N TYR A 307 15.52 -4.68 -31.55
CA TYR A 307 16.23 -3.75 -32.44
C TYR A 307 17.72 -3.67 -32.10
N GLN A 308 18.56 -3.78 -33.13
CA GLN A 308 20.00 -3.69 -32.93
C GLN A 308 20.61 -2.49 -33.62
N ASP A 309 21.16 -1.59 -32.82
CA ASP A 309 21.77 -0.37 -33.34
C ASP A 309 20.71 0.51 -33.98
N GLY A 310 19.46 0.35 -33.55
CA GLY A 310 18.37 1.15 -34.07
C GLY A 310 17.53 0.58 -35.21
N LYS A 311 17.88 -0.60 -35.70
CA LYS A 311 17.11 -1.17 -36.80
C LYS A 311 16.31 -2.38 -36.34
N ALA A 312 15.13 -2.54 -36.91
CA ALA A 312 14.28 -3.66 -36.55
C ALA A 312 14.93 -4.94 -37.03
N THR A 313 15.17 -5.86 -36.10
CA THR A 313 15.79 -7.14 -36.43
C THR A 313 14.79 -8.15 -36.96
N GLY A 314 13.51 -7.94 -36.68
CA GLY A 314 12.50 -8.87 -37.14
C GLY A 314 12.18 -9.94 -36.11
N LYS A 315 12.94 -9.96 -35.02
CA LYS A 315 12.69 -10.93 -33.96
C LYS A 315 11.61 -10.32 -33.06
N THR A 316 10.46 -10.98 -33.01
CA THR A 316 9.35 -10.50 -32.20
C THR A 316 8.94 -11.53 -31.17
N ALA A 317 8.09 -11.10 -30.24
CA ALA A 317 7.60 -11.97 -29.20
C ALA A 317 6.21 -11.50 -28.75
N ILE A 318 5.35 -12.44 -28.41
CA ILE A 318 4.02 -12.11 -27.95
C ILE A 318 4.02 -12.32 -26.44
N LEU A 319 3.81 -11.24 -25.69
CA LEU A 319 3.79 -11.30 -24.23
C LEU A 319 2.38 -11.34 -23.67
N ASN A 320 2.15 -12.28 -22.75
CA ASN A 320 0.83 -12.40 -22.15
C ASN A 320 0.98 -13.07 -20.81
N GLU A 321 -0.16 -13.32 -20.13
CA GLU A 321 -0.15 -13.94 -18.82
C GLU A 321 0.39 -15.37 -18.80
N SER A 322 0.28 -16.07 -19.91
CA SER A 322 0.75 -17.45 -19.96
C SER A 322 2.29 -17.54 -19.84
N ASN A 323 3.03 -16.67 -20.52
CA ASN A 323 4.49 -16.71 -20.42
C ASN A 323 5.03 -15.66 -19.46
N ASN A 324 4.17 -15.21 -18.56
CA ASN A 324 4.51 -14.21 -17.55
C ASN A 324 4.99 -12.88 -18.09
N TRP A 325 4.49 -12.49 -19.25
CA TRP A 325 4.88 -11.22 -19.85
C TRP A 325 6.40 -11.09 -19.95
N THR A 326 7.08 -12.19 -20.27
CA THR A 326 8.53 -12.16 -20.38
C THR A 326 9.04 -13.05 -21.50
N HIS A 327 10.15 -12.65 -22.11
CA HIS A 327 10.74 -13.45 -23.18
C HIS A 327 12.23 -13.21 -23.34
N THR A 328 12.94 -14.26 -23.74
CA THR A 328 14.38 -14.21 -23.94
C THR A 328 14.80 -14.74 -25.30
N TRP A 329 15.42 -13.88 -26.11
CA TRP A 329 15.91 -14.30 -27.43
C TRP A 329 17.36 -14.77 -27.27
N THR A 330 17.79 -15.71 -28.12
CA THR A 330 19.18 -16.20 -28.07
C THR A 330 19.88 -15.94 -29.39
N GLY A 331 21.19 -16.19 -29.44
CA GLY A 331 21.97 -16.00 -30.65
C GLY A 331 22.27 -14.59 -31.10
N LEU A 332 22.39 -13.64 -30.16
CA LEU A 332 22.66 -12.27 -30.55
C LEU A 332 24.16 -11.95 -30.55
N ASP A 333 24.65 -11.45 -31.67
CA ASP A 333 26.06 -11.09 -31.78
C ASP A 333 26.32 -9.91 -30.86
N GLU A 334 27.44 -9.94 -30.14
CA GLU A 334 27.75 -8.83 -29.25
C GLU A 334 28.50 -7.76 -30.02
N LYS A 335 29.12 -8.15 -31.12
CA LYS A 335 29.89 -7.20 -31.92
C LYS A 335 29.61 -7.27 -33.42
N ALA A 336 29.71 -6.11 -34.05
CA ALA A 336 29.52 -5.96 -35.48
C ALA A 336 30.71 -5.13 -35.92
N LYS A 337 31.37 -5.56 -37.00
CA LYS A 337 32.56 -4.85 -37.46
C LYS A 337 33.54 -4.97 -36.28
N GLY A 338 33.86 -3.85 -35.65
CA GLY A 338 34.77 -3.90 -34.51
C GLY A 338 34.16 -3.34 -33.24
N GLN A 339 32.95 -2.79 -33.36
CA GLN A 339 32.24 -2.19 -32.24
C GLN A 339 31.10 -3.05 -31.68
N GLN A 340 30.71 -2.75 -30.45
CA GLN A 340 29.64 -3.48 -29.79
C GLN A 340 28.26 -2.98 -30.17
N VAL A 341 27.41 -3.91 -30.57
CA VAL A 341 26.04 -3.60 -30.97
C VAL A 341 25.22 -3.13 -29.77
N LYS A 342 24.19 -2.33 -30.03
CA LYS A 342 23.29 -1.85 -28.98
C LYS A 342 21.94 -2.50 -29.24
N TYR A 343 21.31 -3.02 -28.20
CA TYR A 343 20.01 -3.67 -28.34
C TYR A 343 18.91 -2.97 -27.54
N THR A 344 17.77 -2.76 -28.19
CA THR A 344 16.62 -2.13 -27.54
C THR A 344 15.35 -2.85 -27.98
N VAL A 345 14.28 -2.64 -27.24
CA VAL A 345 13.01 -3.26 -27.57
C VAL A 345 11.97 -2.23 -27.96
N GLU A 346 11.02 -2.66 -28.77
CA GLU A 346 9.95 -1.79 -29.22
C GLU A 346 8.64 -2.51 -29.02
N GLU A 347 7.67 -1.81 -28.46
CA GLU A 347 6.37 -2.40 -28.28
C GLU A 347 5.71 -2.05 -29.60
N LEU A 348 5.20 -3.05 -30.30
CA LEU A 348 4.56 -2.79 -31.60
C LEU A 348 3.12 -2.34 -31.33
N THR A 349 2.34 -3.25 -30.76
CA THR A 349 0.94 -2.97 -30.44
C THR A 349 0.76 -1.74 -29.56
N LYS A 350 -0.10 -0.84 -30.01
CA LYS A 350 -0.39 0.41 -29.30
C LYS A 350 -1.66 0.18 -28.51
N VAL A 351 -1.59 0.33 -27.19
CA VAL A 351 -2.78 0.13 -26.37
C VAL A 351 -3.36 1.45 -25.91
N LYS A 352 -4.62 1.65 -26.22
CA LYS A 352 -5.32 2.87 -25.86
C LYS A 352 -5.40 3.13 -24.36
N GLY A 353 -5.20 4.37 -23.97
CA GLY A 353 -5.28 4.73 -22.57
C GLY A 353 -4.02 4.54 -21.75
N TYR A 354 -2.99 3.98 -22.38
CA TYR A 354 -1.73 3.74 -21.71
C TYR A 354 -0.57 4.46 -22.39
N THR A 355 0.39 4.88 -21.57
CA THR A 355 1.58 5.54 -22.07
C THR A 355 2.73 4.58 -21.84
N THR A 356 3.59 4.45 -22.84
CA THR A 356 4.70 3.53 -22.74
C THR A 356 6.06 4.19 -22.52
N HIS A 357 6.91 3.47 -21.80
CA HIS A 357 8.26 3.89 -21.49
C HIS A 357 9.11 2.62 -21.48
N VAL A 358 10.27 2.67 -22.13
CA VAL A 358 11.13 1.49 -22.19
C VAL A 358 12.50 1.72 -21.56
N ASP A 359 12.92 0.79 -20.71
CA ASP A 359 14.23 0.87 -20.07
C ASP A 359 15.19 -0.07 -20.80
N ASN A 360 16.14 0.49 -21.55
CA ASN A 360 17.10 -0.32 -22.32
C ASN A 360 18.51 -0.32 -21.74
N ASN A 361 18.65 0.08 -20.48
CA ASN A 361 19.97 0.13 -19.86
C ASN A 361 20.77 -1.16 -19.92
N ASP A 362 20.12 -2.30 -19.68
CA ASP A 362 20.82 -3.59 -19.70
C ASP A 362 20.01 -4.62 -20.49
N MET A 363 20.59 -5.16 -21.55
CA MET A 363 19.92 -6.14 -22.40
C MET A 363 19.51 -7.42 -21.67
N GLY A 364 20.10 -7.67 -20.51
CA GLY A 364 19.73 -8.86 -19.78
C GLY A 364 18.45 -8.58 -18.99
N ASN A 365 18.04 -7.32 -19.00
CA ASN A 365 16.87 -6.91 -18.24
C ASN A 365 16.13 -5.73 -18.84
N LEU A 366 15.68 -5.87 -20.08
CA LEU A 366 14.92 -4.79 -20.73
C LEU A 366 13.52 -4.77 -20.11
N ILE A 367 13.04 -3.58 -19.76
CA ILE A 367 11.70 -3.47 -19.16
C ILE A 367 10.82 -2.45 -19.84
N THR A 368 9.69 -2.93 -20.35
CA THR A 368 8.73 -2.07 -21.02
C THR A 368 7.58 -1.83 -20.07
N THR A 369 7.44 -0.60 -19.57
CA THR A 369 6.32 -0.35 -18.69
C THR A 369 5.24 0.49 -19.35
N ASN A 370 3.99 0.14 -19.05
CA ASN A 370 2.85 0.85 -19.60
C ASN A 370 2.03 1.40 -18.47
N LYS A 371 1.90 2.73 -18.45
CA LYS A 371 1.15 3.38 -17.39
C LYS A 371 -0.28 3.71 -17.83
N TYR A 372 -1.25 3.29 -17.03
CA TYR A 372 -2.63 3.57 -17.33
C TYR A 372 -2.90 5.01 -16.94
N THR A 373 -3.03 5.87 -17.95
CA THR A 373 -3.29 7.28 -17.70
C THR A 373 -4.76 7.60 -17.94
#